data_9G54
#
_entry.id   9G54
#
_cell.length_a   1.00
_cell.length_b   1.00
_cell.length_c   1.00
_cell.angle_alpha   90.00
_cell.angle_beta   90.00
_cell.angle_gamma   90.00
#
_symmetry.space_group_name_H-M   'P 1'
#
_entity_poly.entity_id   1
_entity_poly.type   'polyribonucleotide'
_entity_poly.pdbx_seq_one_letter_code
;GGGGUUAUGUGUGCCCGGCAUGGGUGCAGUCUAUAGGGUGAGAGUCCCGAACUGUGAAGGCAGAAGUAACAGUUAGCCUA
ACGCAAGGGUGUCCGUGGCGACAUGGAAUCUGAAGGAAGCGGACGGCAAACCUUCGGUCUGAGGAACACGAACUUCAUAU
GAGGCUAGGUAUCAAUGGAUGAGUUUGCAUAACAAAACAAAGUCCUUUCUGCCAAAGUUGGUACAGAGUAAAUGAAGCAG
AUUGAUGAAGGGAAAGACUGCAUUCUUACCCGGGGAGGUCUGGAAACAGAAGUCAGCAGAAGUCAUAGUACCCUGUUCGC
AGGGGAAGGACGGAACAAGUAUGGCGUUCGCGCCUAAGCUUG
;
_entity_poly.pdbx_strand_id   A
#